data_6FKG
#
_entry.id   6FKG
#
_cell.length_a   105.311
_cell.length_b   105.311
_cell.length_c   108.712
_cell.angle_alpha   90.00
_cell.angle_beta   90.00
_cell.angle_gamma   120.00
#
_symmetry.space_group_name_H-M   'P 63'
#
loop_
_entity.id
_entity.type
_entity.pdbx_description
1 polymer 'Rv1989c (MbcT)'
2 polymer 'Rv1990c (MbcA)'
3 non-polymer GLYCEROL
4 water water
#
loop_
_entity_poly.entity_id
_entity_poly.type
_entity_poly.pdbx_seq_one_letter_code
_entity_poly.pdbx_strand_id
1 'polypeptide(L)'
;VSDALDEGLVQRIDARGTIEWSETCYRYTGAHRDALSGEGARRFGGRWNPPLLFPAIYLADSAQACMVEVERAAQAASTT
AEKMLEAAYRLHTIDVTDLAVLDLTTPQAREAVGLENDDIYGDDWSGCQAVGHAAWFLHMQGVLVPAAGGVGLVVTAYEQ
RTRPGQLQLRQSVDLTPALYQELRAT
;
A,B
2 'polypeptide(L)'
;GAMGVNVLASTVSGAIERLGLTYEEVGDIVDASPRSVARWTAGQVVPQRLNKQRLIELAYVADALAEVLPRDQANVWMFS
PNRLLEHRKPADLVRDGEYQRVLALIDAMAEGVFV
;
C,D
#
# COMPACT_ATOMS: atom_id res chain seq x y z
N LEU A 5 -0.71 -22.78 4.93
CA LEU A 5 -2.13 -22.60 5.23
C LEU A 5 -2.76 -23.91 5.68
N ASP A 6 -2.85 -24.09 6.99
CA ASP A 6 -3.24 -25.38 7.59
C ASP A 6 -4.68 -25.78 7.30
N GLU A 7 -4.87 -26.96 6.70
CA GLU A 7 -6.21 -27.45 6.42
C GLU A 7 -7.08 -27.53 7.69
N GLY A 8 -6.49 -28.03 8.78
CA GLY A 8 -7.21 -28.21 10.04
C GLY A 8 -7.66 -26.88 10.64
N LEU A 9 -6.82 -25.87 10.50
CA LEU A 9 -7.10 -24.55 11.05
C LEU A 9 -8.21 -23.87 10.26
N VAL A 10 -8.08 -23.92 8.95
CA VAL A 10 -9.13 -23.40 8.07
C VAL A 10 -10.45 -24.12 8.34
N GLN A 11 -10.40 -25.44 8.49
CA GLN A 11 -11.61 -26.20 8.78
C GLN A 11 -12.23 -25.73 10.08
N ARG A 12 -11.40 -25.56 11.10
CA ARG A 12 -11.90 -25.22 12.42
C ARG A 12 -12.50 -23.81 12.45
N ILE A 13 -11.88 -22.90 11.72
CA ILE A 13 -12.34 -21.51 11.67
C ILE A 13 -13.66 -21.42 10.89
N ASP A 14 -13.76 -22.17 9.79
CA ASP A 14 -15.03 -22.26 9.08
C ASP A 14 -16.15 -22.76 9.99
N ALA A 15 -15.85 -23.77 10.81
CA ALA A 15 -16.84 -24.33 11.74
C ALA A 15 -17.36 -23.28 12.71
N ARG A 16 -16.48 -22.43 13.23
CA ARG A 16 -16.89 -21.32 14.09
C ARG A 16 -17.83 -20.38 13.33
N GLY A 17 -17.51 -20.11 12.07
CA GLY A 17 -18.31 -19.20 11.28
C GLY A 17 -18.24 -17.78 11.81
N THR A 18 -19.17 -16.94 11.34
CA THR A 18 -19.15 -15.52 11.70
C THR A 18 -20.41 -15.10 12.45
N ILE A 19 -20.33 -13.93 13.08
CA ILE A 19 -21.50 -13.23 13.59
C ILE A 19 -21.56 -11.87 12.91
N GLU A 20 -22.75 -11.30 12.78
CA GLU A 20 -22.88 -9.95 12.26
C GLU A 20 -22.75 -8.95 13.39
N TRP A 21 -21.79 -8.05 13.30
CA TRP A 21 -21.43 -7.17 14.41
C TRP A 21 -21.62 -5.71 14.05
N SER A 22 -22.30 -4.97 14.92
CA SER A 22 -22.44 -3.52 14.76
C SER A 22 -22.00 -2.77 16.02
N GLU A 23 -21.16 -1.76 15.84
CA GLU A 23 -20.65 -0.98 16.95
C GLU A 23 -20.05 0.33 16.45
N THR A 24 -20.08 1.35 17.28
CA THR A 24 -19.30 2.55 17.05
C THR A 24 -17.86 2.29 17.50
N CYS A 25 -16.93 2.40 16.54
CA CYS A 25 -15.54 2.08 16.79
C CYS A 25 -14.60 3.30 16.62
N TYR A 26 -13.37 3.11 17.04
CA TYR A 26 -12.39 4.19 17.10
C TYR A 26 -11.07 3.75 16.57
N ARG A 27 -10.45 4.63 15.79
CA ARG A 27 -9.14 4.39 15.26
C ARG A 27 -8.33 5.67 15.34
N TYR A 28 -7.02 5.57 15.54
CA TYR A 28 -6.22 6.77 15.43
C TYR A 28 -5.23 6.59 14.28
N THR A 29 -4.95 7.67 13.56
CA THR A 29 -3.94 7.67 12.51
C THR A 29 -3.17 8.95 12.56
N GLY A 30 -2.06 9.02 11.83
CA GLY A 30 -1.47 10.31 11.53
C GLY A 30 -2.52 11.20 10.89
N ALA A 31 -2.45 12.50 11.15
CA ALA A 31 -3.48 13.45 10.72
C ALA A 31 -3.73 13.47 9.20
N HIS A 32 -2.73 13.05 8.43
CA HIS A 32 -2.81 13.09 6.98
C HIS A 32 -3.40 11.81 6.36
N ARG A 33 -3.46 10.73 7.15
CA ARG A 33 -3.85 9.42 6.64
C ARG A 33 -5.36 9.26 6.48
N ASP A 34 -5.77 8.42 5.55
CA ASP A 34 -7.18 8.17 5.36
C ASP A 34 -7.69 7.27 6.46
N ALA A 35 -8.81 7.63 7.05
CA ALA A 35 -9.35 6.91 8.20
C ALA A 35 -9.64 5.42 7.93
N LEU A 36 -9.80 5.06 6.65
CA LEU A 36 -10.18 3.70 6.31
C LEU A 36 -9.07 2.94 5.55
N SER A 37 -7.89 3.53 5.47
CA SER A 37 -6.76 2.84 4.81
C SER A 37 -6.25 1.70 5.68
N GLY A 38 -5.79 0.63 5.03
CA GLY A 38 -5.23 -0.50 5.74
C GLY A 38 -3.89 -0.95 5.18
N GLU A 39 -3.26 -0.09 4.39
CA GLU A 39 -2.04 -0.45 3.70
C GLU A 39 -0.84 -0.56 4.66
N GLY A 40 -0.89 0.18 5.76
CA GLY A 40 0.17 0.16 6.76
C GLY A 40 0.32 -1.24 7.34
N ALA A 41 -0.80 -1.79 7.80
CA ALA A 41 -0.80 -3.14 8.33
C ALA A 41 -0.37 -4.14 7.25
N ARG A 42 -0.69 -3.87 6.00
CA ARG A 42 -0.27 -4.77 4.92
C ARG A 42 1.24 -4.72 4.72
N ARG A 43 1.81 -3.51 4.78
CA ARG A 43 3.22 -3.35 4.49
C ARG A 43 4.09 -4.00 5.59
N PHE A 44 3.67 -3.83 6.84
CA PHE A 44 4.48 -4.27 7.97
C PHE A 44 3.99 -5.55 8.63
N GLY A 45 2.71 -5.83 8.50
CA GLY A 45 2.08 -6.86 9.32
C GLY A 45 1.54 -6.28 10.63
N GLY A 46 0.63 -7.01 11.26
CA GLY A 46 0.11 -6.66 12.57
C GLY A 46 -0.10 -7.94 13.35
N ARG A 47 -0.54 -7.82 14.60
CA ARG A 47 -0.67 -9.04 15.40
C ARG A 47 -1.60 -10.04 14.72
N TRP A 48 -2.62 -9.53 14.03
CA TRP A 48 -3.65 -10.41 13.49
C TRP A 48 -3.64 -10.48 11.95
N ASN A 49 -2.55 -10.05 11.33
CA ASN A 49 -2.41 -10.24 9.88
C ASN A 49 -0.96 -10.34 9.45
N PRO A 50 -0.68 -11.33 8.59
CA PRO A 50 0.65 -11.39 7.99
C PRO A 50 0.80 -10.22 7.05
N PRO A 51 2.04 -9.80 6.78
CA PRO A 51 2.29 -8.75 5.80
C PRO A 51 2.00 -9.20 4.39
N LEU A 52 1.82 -8.24 3.50
CA LEU A 52 1.88 -8.42 2.04
C LEU A 52 0.68 -9.08 1.35
N LEU A 53 -0.31 -9.55 2.10
CA LEU A 53 -1.39 -10.25 1.42
C LEU A 53 -2.67 -9.44 1.33
N PHE A 54 -2.99 -8.67 2.37
CA PHE A 54 -4.21 -7.87 2.35
C PHE A 54 -4.15 -6.68 3.29
N PRO A 55 -4.84 -5.58 2.94
CA PRO A 55 -4.97 -4.45 3.86
C PRO A 55 -5.73 -4.88 5.10
N ALA A 56 -5.43 -4.24 6.22
CA ALA A 56 -6.13 -4.56 7.45
C ALA A 56 -6.20 -3.27 8.26
N ILE A 57 -7.37 -3.03 8.85
CA ILE A 57 -7.60 -1.86 9.69
C ILE A 57 -7.86 -2.36 11.11
N TYR A 58 -7.16 -1.77 12.07
CA TYR A 58 -7.36 -2.11 13.49
C TYR A 58 -8.22 -1.05 14.19
N LEU A 59 -9.33 -1.48 14.80
CA LEU A 59 -10.20 -0.56 15.53
C LEU A 59 -10.48 -1.02 16.95
N ALA A 60 -10.90 -0.10 17.81
CA ALA A 60 -11.24 -0.41 19.19
C ALA A 60 -12.70 -0.07 19.43
N ASP A 61 -13.34 -0.69 20.41
CA ASP A 61 -14.77 -0.52 20.60
C ASP A 61 -15.11 0.64 21.52
N SER A 62 -14.11 1.44 21.89
CA SER A 62 -14.34 2.63 22.71
C SER A 62 -13.17 3.56 22.55
N ALA A 63 -13.38 4.85 22.81
CA ALA A 63 -12.27 5.80 22.74
C ALA A 63 -11.20 5.45 23.76
N GLN A 64 -11.62 4.99 24.94
CA GLN A 64 -10.69 4.62 26.02
CA GLN A 64 -10.67 4.65 26.00
C GLN A 64 -9.80 3.47 25.59
N ALA A 65 -10.40 2.46 24.98
CA ALA A 65 -9.62 1.31 24.52
C ALA A 65 -8.65 1.73 23.43
N CYS A 66 -9.08 2.66 22.58
CA CYS A 66 -8.21 3.20 21.55
C CYS A 66 -7.02 3.94 22.18
N MET A 67 -7.27 4.66 23.27
CA MET A 67 -6.20 5.42 23.89
C MET A 67 -5.16 4.47 24.50
N VAL A 68 -5.62 3.32 24.99
CA VAL A 68 -4.70 2.30 25.50
C VAL A 68 -3.77 1.87 24.38
N GLU A 69 -4.31 1.74 23.18
CA GLU A 69 -3.48 1.36 22.06
C GLU A 69 -2.51 2.46 21.68
N VAL A 70 -2.93 3.72 21.81
CA VAL A 70 -2.04 4.87 21.62
C VAL A 70 -0.86 4.77 22.58
N GLU A 71 -1.17 4.46 23.82
CA GLU A 71 -0.14 4.34 24.85
C GLU A 71 0.83 3.19 24.54
N ARG A 72 0.28 2.07 24.06
CA ARG A 72 1.08 0.90 23.72
C ARG A 72 1.99 1.18 22.52
N ALA A 73 1.50 1.96 21.57
CA ALA A 73 2.34 2.32 20.44
C ALA A 73 3.45 3.25 20.89
N ALA A 74 3.11 4.21 21.75
CA ALA A 74 4.09 5.13 22.30
C ALA A 74 5.20 4.38 23.02
N GLN A 75 4.81 3.39 23.80
CA GLN A 75 5.73 2.54 24.57
C GLN A 75 6.69 1.80 23.63
N ALA A 76 6.15 1.23 22.56
CA ALA A 76 6.95 0.55 21.55
C ALA A 76 7.91 1.51 20.85
N ALA A 77 7.52 2.79 20.75
CA ALA A 77 8.39 3.81 20.17
C ALA A 77 9.28 4.48 21.23
N SER A 78 9.38 3.84 22.40
CA SER A 78 10.25 4.30 23.49
C SER A 78 9.89 5.68 24.03
N THR A 79 8.61 6.01 24.04
CA THR A 79 8.20 7.29 24.60
C THR A 79 6.81 7.17 25.23
N THR A 80 6.20 8.32 25.50
CA THR A 80 4.88 8.37 26.13
C THR A 80 3.85 8.86 25.13
N ALA A 81 2.59 8.59 25.41
CA ALA A 81 1.51 9.02 24.52
C ALA A 81 1.53 10.54 24.39
N GLU A 82 1.71 11.25 25.51
CA GLU A 82 1.68 12.72 25.47
C GLU A 82 2.74 13.29 24.53
N LYS A 83 3.92 12.69 24.52
CA LYS A 83 4.99 13.17 23.65
C LYS A 83 4.77 12.75 22.21
N MET A 84 4.31 11.51 22.01
CA MET A 84 4.05 11.02 20.65
C MET A 84 3.00 11.89 19.96
N LEU A 85 2.01 12.32 20.73
CA LEU A 85 0.89 13.10 20.20
C LEU A 85 1.24 14.59 20.00
N GLU A 86 2.51 14.93 20.18
CA GLU A 86 3.02 16.22 19.73
C GLU A 86 3.11 16.21 18.21
N ALA A 87 3.27 15.03 17.62
CA ALA A 87 3.12 14.89 16.17
C ALA A 87 1.63 14.83 15.89
N ALA A 88 1.21 15.25 14.69
CA ALA A 88 -0.21 15.41 14.40
C ALA A 88 -0.89 14.07 14.16
N TYR A 89 -1.74 13.68 15.11
CA TYR A 89 -2.59 12.51 14.93
C TYR A 89 -4.04 12.93 15.01
N ARG A 90 -4.91 12.07 14.50
CA ARG A 90 -6.34 12.31 14.56
CA ARG A 90 -6.34 12.30 14.55
C ARG A 90 -7.06 11.06 15.05
N LEU A 91 -8.14 11.27 15.79
CA LEU A 91 -8.98 10.19 16.30
C LEU A 91 -10.23 10.09 15.45
N HIS A 92 -10.46 8.92 14.87
CA HIS A 92 -11.59 8.71 13.98
C HIS A 92 -12.67 7.89 14.65
N THR A 93 -13.90 8.36 14.53
CA THR A 93 -15.07 7.61 14.99
C THR A 93 -15.70 6.98 13.76
N ILE A 94 -15.74 5.65 13.75
CA ILE A 94 -16.16 4.91 12.59
C ILE A 94 -17.27 3.94 12.97
N ASP A 95 -18.44 4.13 12.39
CA ASP A 95 -19.56 3.22 12.63
C ASP A 95 -19.40 1.97 11.80
N VAL A 96 -19.53 0.82 12.46
CA VAL A 96 -19.46 -0.49 11.80
C VAL A 96 -20.83 -1.11 11.85
N THR A 97 -21.32 -1.59 10.70
CA THR A 97 -22.69 -2.12 10.62
C THR A 97 -22.72 -3.50 9.98
N ASP A 98 -23.28 -4.47 10.71
CA ASP A 98 -23.50 -5.83 10.20
C ASP A 98 -22.25 -6.47 9.58
N LEU A 99 -21.09 -6.21 10.17
CA LEU A 99 -19.85 -6.80 9.67
C LEU A 99 -19.77 -8.28 10.05
N ALA A 100 -19.54 -9.15 9.06
CA ALA A 100 -19.46 -10.58 9.34
C ALA A 100 -18.08 -10.94 9.88
N VAL A 101 -17.97 -11.12 11.20
CA VAL A 101 -16.67 -11.29 11.83
C VAL A 101 -16.53 -12.61 12.57
N LEU A 102 -15.30 -13.14 12.60
CA LEU A 102 -14.96 -14.25 13.48
C LEU A 102 -14.84 -13.73 14.91
N ASP A 103 -15.65 -14.27 15.82
CA ASP A 103 -15.71 -13.75 17.19
C ASP A 103 -14.72 -14.45 18.12
N LEU A 104 -13.58 -13.80 18.37
CA LEU A 104 -12.56 -14.39 19.25
C LEU A 104 -12.46 -13.64 20.58
N THR A 105 -13.58 -13.07 21.03
CA THR A 105 -13.57 -12.26 22.25
C THR A 105 -13.61 -13.09 23.53
N THR A 106 -13.88 -14.40 23.41
CA THR A 106 -13.91 -15.30 24.56
C THR A 106 -12.72 -16.23 24.57
N PRO A 107 -12.25 -16.65 25.76
CA PRO A 107 -11.13 -17.60 25.78
C PRO A 107 -11.49 -18.95 25.13
N GLN A 108 -12.76 -19.33 25.23
CA GLN A 108 -13.22 -20.57 24.59
C GLN A 108 -13.11 -20.51 23.07
N ALA A 109 -13.50 -19.37 22.48
CA ALA A 109 -13.41 -19.22 21.04
C ALA A 109 -11.94 -19.25 20.62
N ARG A 110 -11.10 -18.58 21.39
CA ARG A 110 -9.67 -18.53 21.09
C ARG A 110 -9.03 -19.92 21.19
N GLU A 111 -9.43 -20.66 22.23
CA GLU A 111 -8.90 -22.00 22.44
C GLU A 111 -9.31 -22.93 21.31
N ALA A 112 -10.51 -22.69 20.78
CA ALA A 112 -11.02 -23.49 19.68
C ALA A 112 -10.19 -23.32 18.40
N VAL A 113 -9.51 -22.19 18.26
CA VAL A 113 -8.66 -22.00 17.08
C VAL A 113 -7.18 -22.07 17.47
N GLY A 114 -6.92 -22.59 18.66
CA GLY A 114 -5.56 -22.87 19.11
C GLY A 114 -4.78 -21.70 19.70
N LEU A 115 -5.47 -20.64 20.08
CA LEU A 115 -4.81 -19.47 20.64
C LEU A 115 -4.99 -19.44 22.16
N GLU A 116 -3.93 -19.07 22.85
CA GLU A 116 -4.01 -18.93 24.31
C GLU A 116 -3.43 -17.57 24.73
N ASN A 117 -3.31 -17.31 26.02
CA ASN A 117 -2.90 -15.98 26.45
C ASN A 117 -1.57 -15.48 25.87
N ASP A 118 -0.56 -16.36 25.83
CA ASP A 118 0.75 -15.97 25.32
C ASP A 118 0.63 -15.44 23.90
N ASP A 119 -0.30 -16.01 23.15
CA ASP A 119 -0.51 -15.61 21.76
C ASP A 119 -1.05 -14.20 21.66
N ILE A 120 -1.90 -13.82 22.61
CA ILE A 120 -2.54 -12.51 22.49
C ILE A 120 -1.72 -11.42 23.16
N TYR A 121 -0.87 -11.79 24.12
CA TYR A 121 -0.07 -10.79 24.83
C TYR A 121 1.44 -10.80 24.50
N GLY A 122 1.95 -11.95 24.09
CA GLY A 122 3.39 -12.14 23.93
C GLY A 122 3.94 -11.58 22.63
N ASP A 123 5.26 -11.67 22.47
CA ASP A 123 5.93 -11.06 21.32
C ASP A 123 5.75 -11.85 20.02
N ASP A 124 5.36 -13.12 20.12
CA ASP A 124 5.20 -13.97 18.94
C ASP A 124 3.80 -13.83 18.33
N TRP A 125 3.73 -13.19 17.15
CA TRP A 125 2.45 -12.97 16.46
C TRP A 125 2.02 -14.13 15.58
N SER A 126 2.86 -15.16 15.46
CA SER A 126 2.62 -16.15 14.39
C SER A 126 1.24 -16.80 14.47
N GLY A 127 0.80 -17.14 15.69
CA GLY A 127 -0.50 -17.74 15.85
C GLY A 127 -1.66 -16.85 15.45
N CYS A 128 -1.70 -15.65 15.99
CA CYS A 128 -2.76 -14.71 15.66
C CYS A 128 -2.72 -14.37 14.17
N GLN A 129 -1.52 -14.24 13.61
CA GLN A 129 -1.43 -13.92 12.19
C GLN A 129 -2.00 -15.04 11.33
N ALA A 130 -1.73 -16.29 11.70
CA ALA A 130 -2.25 -17.44 10.93
C ALA A 130 -3.76 -17.47 11.00
N VAL A 131 -4.31 -17.15 12.17
CA VAL A 131 -5.77 -17.13 12.32
C VAL A 131 -6.40 -16.00 11.50
N GLY A 132 -5.82 -14.79 11.57
CA GLY A 132 -6.30 -13.69 10.75
C GLY A 132 -6.22 -14.01 9.26
N HIS A 133 -5.11 -14.62 8.85
CA HIS A 133 -4.92 -15.04 7.45
C HIS A 133 -6.02 -16.02 7.00
N ALA A 134 -6.32 -17.00 7.85
CA ALA A 134 -7.34 -17.99 7.49
C ALA A 134 -8.74 -17.36 7.40
N ALA A 135 -9.03 -16.43 8.30
CA ALA A 135 -10.32 -15.73 8.29
C ALA A 135 -10.47 -14.95 6.99
N TRP A 136 -9.41 -14.23 6.61
CA TRP A 136 -9.43 -13.47 5.35
C TRP A 136 -9.57 -14.43 4.18
N PHE A 137 -8.86 -15.56 4.26
CA PHE A 137 -8.90 -16.57 3.21
C PHE A 137 -10.32 -17.12 2.97
N LEU A 138 -11.09 -17.20 4.05
CA LEU A 138 -12.47 -17.70 4.01
C LEU A 138 -13.50 -16.61 3.69
N HIS A 139 -13.00 -15.41 3.35
CA HIS A 139 -13.82 -14.26 2.98
C HIS A 139 -14.65 -13.73 4.14
N MET A 140 -14.15 -13.94 5.36
CA MET A 140 -14.76 -13.28 6.49
C MET A 140 -14.38 -11.82 6.39
N GLN A 141 -15.21 -10.94 6.95
CA GLN A 141 -14.98 -9.51 6.81
C GLN A 141 -14.05 -8.97 7.88
N GLY A 142 -13.85 -9.75 8.93
CA GLY A 142 -12.92 -9.34 9.96
C GLY A 142 -12.90 -10.25 11.15
N VAL A 143 -12.16 -9.85 12.18
CA VAL A 143 -11.96 -10.69 13.35
C VAL A 143 -12.18 -9.83 14.57
N LEU A 144 -13.00 -10.31 15.49
CA LEU A 144 -13.22 -9.61 16.74
C LEU A 144 -12.24 -10.18 17.74
N VAL A 145 -11.44 -9.32 18.37
CA VAL A 145 -10.31 -9.80 19.16
C VAL A 145 -10.28 -9.12 20.52
N PRO A 146 -9.56 -9.74 21.48
CA PRO A 146 -9.42 -8.98 22.72
C PRO A 146 -8.53 -7.78 22.46
N ALA A 147 -8.83 -6.67 23.11
CA ALA A 147 -7.98 -5.49 23.03
C ALA A 147 -7.65 -5.14 24.45
N ALA A 148 -6.43 -4.66 24.69
CA ALA A 148 -5.97 -4.37 26.05
C ALA A 148 -7.05 -3.63 26.86
N GLY A 149 -7.77 -2.71 26.22
CA GLY A 149 -8.79 -1.94 26.91
C GLY A 149 -10.25 -2.31 26.65
N GLY A 150 -10.49 -3.35 25.86
CA GLY A 150 -11.86 -3.76 25.54
C GLY A 150 -11.92 -4.74 24.38
N VAL A 151 -12.73 -4.42 23.37
CA VAL A 151 -12.83 -5.29 22.20
C VAL A 151 -12.15 -4.63 21.00
N GLY A 152 -11.35 -5.39 20.28
CA GLY A 152 -10.71 -4.89 19.08
C GLY A 152 -11.38 -5.48 17.86
N LEU A 153 -11.33 -4.75 16.76
CA LEU A 153 -11.85 -5.25 15.49
C LEU A 153 -10.78 -5.11 14.43
N VAL A 154 -10.49 -6.21 13.73
CA VAL A 154 -9.53 -6.20 12.62
C VAL A 154 -10.32 -6.38 11.34
N VAL A 155 -10.36 -5.35 10.52
CA VAL A 155 -11.14 -5.43 9.28
C VAL A 155 -10.19 -5.77 8.13
N THR A 156 -10.44 -6.90 7.49
CA THR A 156 -9.51 -7.44 6.49
C THR A 156 -10.04 -7.24 5.08
N ALA A 157 -9.22 -6.59 4.24
CA ALA A 157 -9.56 -6.28 2.86
C ALA A 157 -10.93 -5.58 2.78
N TYR A 158 -11.04 -4.49 3.52
CA TYR A 158 -12.26 -3.69 3.60
C TYR A 158 -12.86 -3.40 2.21
N GLU A 159 -12.06 -2.80 1.34
CA GLU A 159 -12.53 -2.32 0.04
C GLU A 159 -13.25 -3.39 -0.77
N GLN A 160 -12.66 -4.59 -0.84
CA GLN A 160 -13.26 -5.69 -1.59
C GLN A 160 -14.46 -6.31 -0.90
N ARG A 161 -14.31 -6.53 0.42
CA ARG A 161 -15.17 -7.46 1.14
C ARG A 161 -16.45 -6.84 1.68
N THR A 162 -16.53 -5.52 1.73
CA THR A 162 -17.64 -4.88 2.41
C THR A 162 -18.60 -4.19 1.46
N ARG A 163 -19.84 -4.14 1.89
CA ARG A 163 -20.92 -3.54 1.13
C ARG A 163 -20.99 -2.06 1.47
N PRO A 164 -21.73 -1.28 0.66
CA PRO A 164 -21.93 0.13 0.97
C PRO A 164 -22.39 0.38 2.40
N GLY A 165 -21.64 1.19 3.13
CA GLY A 165 -22.06 1.67 4.41
C GLY A 165 -21.72 0.80 5.61
N GLN A 166 -21.13 -0.37 5.37
CA GLN A 166 -20.73 -1.23 6.48
C GLN A 166 -19.71 -0.55 7.36
N LEU A 167 -18.78 0.20 6.75
CA LEU A 167 -17.92 1.10 7.52
C LEU A 167 -18.21 2.54 7.13
N GLN A 168 -18.46 3.39 8.12
CA GLN A 168 -18.76 4.79 7.83
C GLN A 168 -18.03 5.71 8.79
N LEU A 169 -17.18 6.57 8.24
CA LEU A 169 -16.50 7.58 9.04
C LEU A 169 -17.54 8.57 9.53
N ARG A 170 -17.63 8.74 10.85
CA ARG A 170 -18.64 9.62 11.43
C ARG A 170 -18.00 10.92 11.91
N GLN A 171 -16.73 10.85 12.27
CA GLN A 171 -16.07 12.00 12.91
C GLN A 171 -14.56 11.84 12.93
N SER A 172 -13.85 12.96 12.81
CA SER A 172 -12.40 12.98 12.96
C SER A 172 -11.99 14.22 13.75
N VAL A 173 -11.24 14.03 14.83
CA VAL A 173 -10.81 15.17 15.63
C VAL A 173 -9.30 15.08 15.90
N ASP A 174 -8.67 16.22 16.08
CA ASP A 174 -7.24 16.22 16.42
C ASP A 174 -7.05 15.47 17.72
N LEU A 175 -6.16 14.49 17.72
CA LEU A 175 -5.87 13.76 18.96
C LEU A 175 -4.71 14.46 19.66
N THR A 176 -5.04 15.49 20.42
CA THR A 176 -4.05 16.24 21.17
C THR A 176 -3.72 15.51 22.49
N PRO A 177 -2.58 15.85 23.10
CA PRO A 177 -2.33 15.38 24.47
C PRO A 177 -3.55 15.59 25.38
N ALA A 178 -4.21 16.74 25.30
CA ALA A 178 -5.37 17.03 26.15
C ALA A 178 -6.52 16.06 25.90
N LEU A 179 -6.81 15.78 24.63
CA LEU A 179 -7.90 14.87 24.31
C LEU A 179 -7.57 13.48 24.82
N TYR A 180 -6.29 13.11 24.71
CA TYR A 180 -5.86 11.78 25.16
C TYR A 180 -6.07 11.62 26.65
N GLN A 181 -5.58 12.57 27.44
CA GLN A 181 -5.72 12.48 28.88
C GLN A 181 -7.18 12.45 29.29
N GLU A 182 -8.02 13.19 28.57
CA GLU A 182 -9.45 13.23 28.85
C GLU A 182 -10.08 11.86 28.60
N LEU A 183 -9.77 11.29 27.44
CA LEU A 183 -10.37 10.04 27.01
C LEU A 183 -9.80 8.81 27.71
N ARG A 184 -8.51 8.88 28.07
CA ARG A 184 -7.83 7.78 28.74
C ARG A 184 -8.46 7.50 30.12
N ALA A 185 -9.00 8.55 30.73
CA ALA A 185 -9.47 8.53 32.12
C ALA A 185 -10.45 7.40 32.43
N THR A 186 -10.57 7.08 33.72
CA THR A 186 -11.46 6.01 34.19
C THR A 186 -12.85 6.53 34.49
N ALA B 4 19.98 5.29 -8.11
CA ALA B 4 21.10 6.22 -8.18
C ALA B 4 20.73 7.59 -7.61
N LEU B 5 19.62 8.14 -8.10
CA LEU B 5 19.23 9.51 -7.83
C LEU B 5 20.35 10.45 -8.27
N ASP B 6 20.45 10.64 -9.59
CA ASP B 6 21.53 11.38 -10.21
C ASP B 6 21.53 12.86 -9.81
N GLU B 7 22.68 13.36 -9.36
CA GLU B 7 22.78 14.76 -8.95
C GLU B 7 22.43 15.74 -10.08
N GLY B 8 22.91 15.43 -11.29
CA GLY B 8 22.66 16.28 -12.46
C GLY B 8 21.18 16.39 -12.77
N LEU B 9 20.46 15.27 -12.74
CA LEU B 9 19.03 15.27 -13.01
C LEU B 9 18.25 16.02 -11.94
N VAL B 10 18.62 15.79 -10.67
CA VAL B 10 17.98 16.50 -9.58
C VAL B 10 18.17 18.01 -9.77
N GLN B 11 19.39 18.41 -10.11
CA GLN B 11 19.70 19.84 -10.25
C GLN B 11 18.89 20.44 -11.39
N ARG B 12 18.81 19.73 -12.50
CA ARG B 12 18.09 20.24 -13.66
C ARG B 12 16.60 20.39 -13.36
N ILE B 13 16.03 19.41 -12.67
CA ILE B 13 14.62 19.46 -12.35
C ILE B 13 14.34 20.60 -11.37
N ASP B 14 15.18 20.75 -10.36
CA ASP B 14 15.07 21.89 -9.44
C ASP B 14 15.10 23.22 -10.18
N ALA B 15 16.00 23.33 -11.16
CA ALA B 15 16.13 24.54 -11.97
C ALA B 15 14.85 24.83 -12.75
N ARG B 16 14.19 23.78 -13.23
CA ARG B 16 12.90 23.95 -13.91
C ARG B 16 11.86 24.53 -12.97
N GLY B 17 11.88 24.05 -11.72
CA GLY B 17 10.91 24.46 -10.74
C GLY B 17 9.51 23.98 -11.07
N THR B 18 8.52 24.58 -10.41
CA THR B 18 7.14 24.14 -10.51
C THR B 18 6.26 25.25 -11.05
N ILE B 19 5.07 24.89 -11.49
CA ILE B 19 3.99 25.85 -11.70
C ILE B 19 2.81 25.42 -10.85
N GLU B 20 1.93 26.36 -10.55
CA GLU B 20 0.68 26.01 -9.86
C GLU B 20 -0.39 25.72 -10.90
N TRP B 21 -0.93 24.51 -10.83
CA TRP B 21 -1.85 24.04 -11.84
C TRP B 21 -3.21 23.71 -11.24
N SER B 22 -4.26 24.24 -11.85
CA SER B 22 -5.61 23.90 -11.43
C SER B 22 -6.42 23.40 -12.61
N GLU B 23 -7.11 22.29 -12.41
CA GLU B 23 -7.94 21.73 -13.46
C GLU B 23 -8.91 20.71 -12.87
N THR B 24 -10.03 20.51 -13.56
CA THR B 24 -10.90 19.38 -13.29
C THR B 24 -10.32 18.16 -14.00
N CYS B 25 -9.99 17.12 -13.23
CA CYS B 25 -9.31 15.95 -13.77
C CYS B 25 -10.11 14.69 -13.57
N TYR B 26 -9.62 13.61 -14.17
CA TYR B 26 -10.36 12.36 -14.22
C TYR B 26 -9.45 11.19 -13.96
N ARG B 27 -9.97 10.25 -13.18
CA ARG B 27 -9.25 9.05 -12.85
C ARG B 27 -10.22 7.88 -12.91
N TYR B 28 -9.78 6.69 -13.32
CA TYR B 28 -10.66 5.52 -13.22
C TYR B 28 -10.03 4.51 -12.26
N THR B 29 -10.88 3.77 -11.56
CA THR B 29 -10.43 2.72 -10.65
C THR B 29 -11.46 1.61 -10.70
N GLY B 30 -11.09 0.44 -10.19
CA GLY B 30 -12.10 -0.54 -9.82
C GLY B 30 -13.13 0.12 -8.91
N ALA B 31 -14.35 -0.37 -8.98
CA ALA B 31 -15.48 0.25 -8.31
C ALA B 31 -15.33 0.26 -6.79
N HIS B 32 -14.53 -0.66 -6.28
CA HIS B 32 -14.35 -0.83 -4.83
C HIS B 32 -13.19 0.00 -4.26
N ARG B 33 -12.42 0.64 -5.14
CA ARG B 33 -11.23 1.35 -4.70
C ARG B 33 -11.52 2.81 -4.35
N ASP B 34 -10.75 3.35 -3.42
CA ASP B 34 -10.85 4.76 -3.08
C ASP B 34 -10.34 5.65 -4.21
N ALA B 35 -11.11 6.69 -4.53
CA ALA B 35 -10.75 7.59 -5.61
C ALA B 35 -9.37 8.26 -5.44
N LEU B 36 -8.91 8.38 -4.21
CA LEU B 36 -7.66 9.12 -3.98
C LEU B 36 -6.48 8.23 -3.55
N SER B 37 -6.70 6.92 -3.47
CA SER B 37 -5.62 5.99 -3.09
C SER B 37 -4.54 5.89 -4.14
N GLY B 38 -3.28 5.85 -3.71
CA GLY B 38 -2.18 5.73 -4.65
C GLY B 38 -1.30 4.52 -4.40
N GLU B 39 -1.82 3.55 -3.66
CA GLU B 39 -1.00 2.42 -3.23
C GLU B 39 -0.65 1.44 -4.36
N GLY B 40 -1.49 1.38 -5.39
CA GLY B 40 -1.26 0.46 -6.48
C GLY B 40 -0.01 0.85 -7.27
N ALA B 41 0.09 2.13 -7.55
CA ALA B 41 1.27 2.66 -8.22
C ALA B 41 2.51 2.44 -7.35
N ARG B 42 2.36 2.52 -6.04
CA ARG B 42 3.49 2.25 -5.17
C ARG B 42 3.90 0.77 -5.19
N ARG B 43 2.91 -0.12 -5.21
CA ARG B 43 3.21 -1.54 -5.16
C ARG B 43 3.88 -2.03 -6.45
N PHE B 44 3.40 -1.56 -7.59
CA PHE B 44 3.86 -2.06 -8.90
C PHE B 44 4.84 -1.12 -9.58
N GLY B 45 4.74 0.16 -9.28
CA GLY B 45 5.37 1.18 -10.10
C GLY B 45 4.38 1.66 -11.15
N GLY B 46 4.66 2.82 -11.74
CA GLY B 46 3.86 3.36 -12.84
C GLY B 46 4.82 4.00 -13.82
N ARG B 47 4.32 4.46 -14.97
CA ARG B 47 5.22 5.00 -15.97
C ARG B 47 6.09 6.11 -15.37
N TRP B 48 5.50 6.91 -14.49
CA TRP B 48 6.17 8.07 -13.92
C TRP B 48 6.54 7.93 -12.43
N ASN B 49 6.59 6.72 -11.90
CA ASN B 49 7.10 6.54 -10.53
C ASN B 49 7.70 5.17 -10.32
N PRO B 50 8.85 5.13 -9.65
CA PRO B 50 9.41 3.83 -9.26
C PRO B 50 8.50 3.25 -8.19
N PRO B 51 8.57 1.93 -7.99
CA PRO B 51 7.77 1.30 -6.94
C PRO B 51 8.36 1.50 -5.55
N LEU B 52 7.54 1.24 -4.53
CA LEU B 52 8.00 1.05 -3.15
C LEU B 52 8.52 2.29 -2.42
N LEU B 53 8.35 3.47 -2.99
CA LEU B 53 8.84 4.65 -2.27
C LEU B 53 7.72 5.61 -1.87
N PHE B 54 6.72 5.76 -2.72
CA PHE B 54 5.65 6.70 -2.44
C PHE B 54 4.41 6.33 -3.21
N PRO B 55 3.22 6.63 -2.64
CA PRO B 55 1.97 6.50 -3.37
C PRO B 55 1.94 7.49 -4.52
N ALA B 56 1.26 7.12 -5.59
CA ALA B 56 1.08 8.05 -6.72
C ALA B 56 -0.27 7.81 -7.35
N ILE B 57 -0.89 8.90 -7.82
CA ILE B 57 -2.21 8.89 -8.43
C ILE B 57 -2.10 9.39 -9.86
N TYR B 58 -2.66 8.64 -10.81
CA TYR B 58 -2.62 9.05 -12.20
C TYR B 58 -3.97 9.62 -12.65
N LEU B 59 -3.97 10.87 -13.12
CA LEU B 59 -5.18 11.54 -13.59
C LEU B 59 -4.98 12.07 -14.99
N ALA B 60 -6.08 12.27 -15.72
CA ALA B 60 -6.02 12.90 -17.04
C ALA B 60 -6.79 14.23 -17.00
N ASP B 61 -6.53 15.13 -17.95
CA ASP B 61 -7.14 16.47 -17.90
C ASP B 61 -8.51 16.55 -18.60
N SER B 62 -9.00 15.41 -19.06
CA SER B 62 -10.36 15.35 -19.60
C SER B 62 -10.88 13.93 -19.50
N ALA B 63 -12.20 13.77 -19.53
CA ALA B 63 -12.78 12.43 -19.53
C ALA B 63 -12.31 11.65 -20.77
N GLN B 64 -12.15 12.36 -21.88
CA GLN B 64 -11.73 11.70 -23.12
C GLN B 64 -10.30 11.18 -23.02
N ALA B 65 -9.42 11.97 -22.44
CA ALA B 65 -8.03 11.55 -22.25
C ALA B 65 -7.97 10.37 -21.30
N CYS B 66 -8.82 10.39 -20.28
CA CYS B 66 -8.92 9.25 -19.36
C CYS B 66 -9.33 7.99 -20.12
N MET B 67 -10.29 8.10 -21.04
CA MET B 67 -10.76 6.92 -21.79
C MET B 67 -9.64 6.35 -22.64
N VAL B 68 -8.81 7.22 -23.20
CA VAL B 68 -7.66 6.76 -23.97
C VAL B 68 -6.73 5.93 -23.05
N GLU B 69 -6.57 6.34 -21.79
CA GLU B 69 -5.73 5.55 -20.88
C GLU B 69 -6.40 4.22 -20.54
N VAL B 70 -7.73 4.21 -20.47
CA VAL B 70 -8.44 2.95 -20.26
C VAL B 70 -8.14 1.99 -21.43
N GLU B 71 -8.13 2.51 -22.65
CA GLU B 71 -7.79 1.71 -23.81
C GLU B 71 -6.38 1.12 -23.75
N ARG B 72 -5.42 1.97 -23.38
CA ARG B 72 -4.03 1.54 -23.29
C ARG B 72 -3.84 0.46 -22.23
N ALA B 73 -4.52 0.60 -21.10
CA ALA B 73 -4.44 -0.44 -20.09
C ALA B 73 -5.09 -1.72 -20.59
N ALA B 74 -6.25 -1.60 -21.22
CA ALA B 74 -6.90 -2.77 -21.81
C ALA B 74 -6.00 -3.50 -22.79
N GLN B 75 -5.33 -2.73 -23.65
CA GLN B 75 -4.42 -3.29 -24.63
C GLN B 75 -3.25 -4.03 -23.96
N ALA B 76 -2.70 -3.48 -22.89
CA ALA B 76 -1.61 -4.15 -22.15
C ALA B 76 -2.12 -5.43 -21.50
N ALA B 77 -3.42 -5.48 -21.26
CA ALA B 77 -4.10 -6.64 -20.69
C ALA B 77 -4.65 -7.56 -21.80
N SER B 78 -4.20 -7.34 -23.03
CA SER B 78 -4.57 -8.19 -24.17
C SER B 78 -6.08 -8.19 -24.49
N THR B 79 -6.75 -7.10 -24.17
CA THR B 79 -8.17 -7.02 -24.47
C THR B 79 -8.54 -5.60 -24.91
N THR B 80 -9.81 -5.24 -24.80
CA THR B 80 -10.27 -3.91 -25.24
C THR B 80 -10.98 -3.22 -24.10
N ALA B 81 -11.09 -1.90 -24.17
CA ALA B 81 -11.79 -1.13 -23.13
C ALA B 81 -13.22 -1.68 -22.97
N GLU B 82 -13.89 -1.94 -24.09
CA GLU B 82 -15.25 -2.45 -24.08
C GLU B 82 -15.42 -3.73 -23.26
N LYS B 83 -14.46 -4.65 -23.40
CA LYS B 83 -14.53 -5.92 -22.66
C LYS B 83 -14.04 -5.76 -21.22
N MET B 84 -12.97 -5.00 -21.02
CA MET B 84 -12.40 -4.81 -19.68
C MET B 84 -13.41 -4.20 -18.73
N LEU B 85 -14.20 -3.26 -19.27
CA LEU B 85 -15.17 -2.52 -18.46
C LEU B 85 -16.43 -3.32 -18.15
N GLU B 86 -16.44 -4.59 -18.54
CA GLU B 86 -17.45 -5.51 -18.06
C GLU B 86 -17.19 -5.86 -16.59
N ALA B 87 -15.92 -5.78 -16.18
CA ALA B 87 -15.60 -5.80 -14.75
C ALA B 87 -15.95 -4.41 -14.21
N ALA B 88 -16.21 -4.30 -12.91
CA ALA B 88 -16.78 -3.08 -12.34
C ALA B 88 -15.74 -1.99 -12.13
N TYR B 89 -15.80 -0.94 -12.95
CA TYR B 89 -14.94 0.23 -12.77
C TYR B 89 -15.78 1.49 -12.55
N ARG B 90 -15.15 2.50 -11.97
CA ARG B 90 -15.81 3.79 -11.79
CA ARG B 90 -15.81 3.79 -11.80
C ARG B 90 -14.93 4.92 -12.30
N LEU B 91 -15.56 5.99 -12.75
CA LEU B 91 -14.89 7.17 -13.25
C LEU B 91 -15.06 8.30 -12.25
N HIS B 92 -13.94 8.78 -11.74
CA HIS B 92 -13.91 9.83 -10.73
C HIS B 92 -13.54 11.17 -11.29
N THR B 93 -14.36 12.16 -11.00
CA THR B 93 -14.08 13.53 -11.36
C THR B 93 -13.45 14.19 -10.15
N ILE B 94 -12.23 14.67 -10.30
CA ILE B 94 -11.45 15.19 -9.18
C ILE B 94 -10.91 16.56 -9.53
N ASP B 95 -11.37 17.57 -8.79
CA ASP B 95 -10.88 18.93 -8.96
C ASP B 95 -9.50 19.08 -8.31
N VAL B 96 -8.56 19.60 -9.09
CA VAL B 96 -7.19 19.84 -8.61
C VAL B 96 -6.96 21.36 -8.51
N THR B 97 -6.48 21.82 -7.36
CA THR B 97 -6.32 23.26 -7.13
C THR B 97 -4.91 23.63 -6.71
N ASP B 98 -4.31 24.51 -7.48
CA ASP B 98 -2.98 25.07 -7.22
C ASP B 98 -1.90 24.02 -6.89
N LEU B 99 -1.91 22.90 -7.62
CA LEU B 99 -0.91 21.86 -7.40
C LEU B 99 0.42 22.31 -7.97
N ALA B 100 1.46 22.25 -7.14
CA ALA B 100 2.80 22.66 -7.55
C ALA B 100 3.46 21.54 -8.32
N VAL B 101 3.47 21.64 -9.64
CA VAL B 101 3.88 20.51 -10.46
C VAL B 101 5.04 20.84 -11.39
N LEU B 102 5.89 19.85 -11.63
CA LEU B 102 6.88 19.93 -12.69
C LEU B 102 6.15 19.87 -14.03
N ASP B 103 6.30 20.93 -14.84
CA ASP B 103 5.56 21.01 -16.11
C ASP B 103 6.36 20.42 -17.26
N LEU B 104 6.00 19.22 -17.68
CA LEU B 104 6.69 18.56 -18.79
C LEU B 104 5.81 18.50 -20.05
N THR B 105 4.84 19.42 -20.15
CA THR B 105 3.95 19.41 -21.31
C THR B 105 4.59 20.07 -22.53
N THR B 106 5.68 20.80 -22.32
CA THR B 106 6.38 21.42 -23.46
C THR B 106 7.56 20.56 -23.88
N PRO B 107 7.90 20.59 -25.18
CA PRO B 107 9.08 19.85 -25.65
C PRO B 107 10.38 20.38 -25.07
N GLN B 108 10.45 21.69 -24.85
CA GLN B 108 11.63 22.28 -24.22
C GLN B 108 11.89 21.68 -22.83
N ALA B 109 10.82 21.52 -22.07
CA ALA B 109 10.94 20.98 -20.71
C ALA B 109 11.36 19.51 -20.77
N ARG B 110 10.77 18.74 -21.68
CA ARG B 110 11.13 17.33 -21.79
C ARG B 110 12.58 17.17 -22.21
N GLU B 111 13.02 18.02 -23.13
CA GLU B 111 14.42 17.99 -23.59
C GLU B 111 15.37 18.33 -22.44
N ALA B 112 14.96 19.26 -21.59
CA ALA B 112 15.79 19.69 -20.46
C ALA B 112 16.04 18.57 -19.46
N VAL B 113 15.11 17.62 -19.34
CA VAL B 113 15.32 16.51 -18.43
C VAL B 113 15.65 15.18 -19.13
N GLY B 114 15.95 15.24 -20.42
CA GLY B 114 16.45 14.09 -21.16
C GLY B 114 15.40 13.10 -21.65
N LEU B 115 14.14 13.52 -21.74
CA LEU B 115 13.08 12.63 -22.18
C LEU B 115 12.66 12.91 -23.61
N GLU B 116 12.21 11.87 -24.31
CA GLU B 116 11.68 12.01 -25.66
C GLU B 116 10.44 11.14 -25.76
N ASN B 117 9.78 11.14 -26.91
CA ASN B 117 8.49 10.46 -27.02
C ASN B 117 8.62 8.96 -26.74
N ASP B 118 9.75 8.39 -27.12
CA ASP B 118 10.09 7.01 -26.80
C ASP B 118 9.95 6.71 -25.32
N ASP B 119 10.39 7.64 -24.49
CA ASP B 119 10.30 7.43 -23.05
C ASP B 119 8.85 7.41 -22.61
N ILE B 120 8.03 8.22 -23.26
CA ILE B 120 6.67 8.44 -22.80
C ILE B 120 5.69 7.36 -23.26
N TYR B 121 5.93 6.76 -24.43
CA TYR B 121 4.98 5.80 -24.96
C TYR B 121 5.57 4.41 -25.17
N GLY B 122 6.90 4.33 -25.17
CA GLY B 122 7.59 3.07 -25.35
C GLY B 122 7.46 2.13 -24.16
N ASP B 123 7.94 0.90 -24.32
CA ASP B 123 7.80 -0.10 -23.27
C ASP B 123 8.67 0.19 -22.03
N ASP B 124 9.73 0.99 -22.19
CA ASP B 124 10.66 1.26 -21.09
C ASP B 124 10.26 2.48 -20.25
N TRP B 125 9.99 2.25 -18.97
CA TRP B 125 9.57 3.31 -18.06
C TRP B 125 10.73 4.02 -17.35
N SER B 126 11.97 3.54 -17.54
CA SER B 126 13.07 3.95 -16.63
C SER B 126 13.30 5.47 -16.58
N GLY B 127 13.34 6.11 -17.73
CA GLY B 127 13.59 7.54 -17.77
C GLY B 127 12.51 8.35 -17.08
N CYS B 128 11.25 8.09 -17.44
CA CYS B 128 10.13 8.76 -16.77
C CYS B 128 10.13 8.48 -15.27
N GLN B 129 10.42 7.25 -14.87
CA GLN B 129 10.40 6.94 -13.44
C GLN B 129 11.49 7.70 -12.68
N ALA B 130 12.66 7.83 -13.28
CA ALA B 130 13.73 8.58 -12.64
C ALA B 130 13.33 10.03 -12.48
N VAL B 131 12.65 10.57 -13.49
CA VAL B 131 12.19 11.96 -13.43
C VAL B 131 11.11 12.14 -12.35
N GLY B 132 10.13 11.24 -12.31
CA GLY B 132 9.10 11.30 -11.27
C GLY B 132 9.71 11.13 -9.88
N HIS B 133 10.67 10.23 -9.77
CA HIS B 133 11.37 10.01 -8.50
C HIS B 133 12.02 11.32 -8.03
N ALA B 134 12.72 11.99 -8.94
CA ALA B 134 13.43 13.22 -8.57
C ALA B 134 12.46 14.34 -8.18
N ALA B 135 11.34 14.45 -8.91
CA ALA B 135 10.37 15.52 -8.60
C ALA B 135 9.82 15.30 -7.19
N TRP B 136 9.50 14.05 -6.87
CA TRP B 136 9.01 13.71 -5.54
C TRP B 136 10.06 13.97 -4.49
N PHE B 137 11.29 13.61 -4.82
CA PHE B 137 12.42 13.81 -3.92
C PHE B 137 12.59 15.29 -3.57
N LEU B 138 12.32 16.17 -4.53
CA LEU B 138 12.42 17.62 -4.36
C LEU B 138 11.17 18.24 -3.74
N HIS B 139 10.27 17.40 -3.28
CA HIS B 139 9.03 17.80 -2.61
C HIS B 139 8.06 18.52 -3.54
N MET B 140 8.15 18.25 -4.84
CA MET B 140 7.16 18.77 -5.76
C MET B 140 5.89 17.96 -5.58
N GLN B 141 4.73 18.56 -5.85
CA GLN B 141 3.47 17.90 -5.55
C GLN B 141 3.07 16.94 -6.68
N GLY B 142 3.69 17.08 -7.83
CA GLY B 142 3.41 16.14 -8.90
C GLY B 142 4.09 16.51 -10.20
N VAL B 143 3.71 15.80 -11.26
CA VAL B 143 4.31 16.04 -12.56
C VAL B 143 3.19 16.12 -13.60
N LEU B 144 3.24 17.16 -14.43
CA LEU B 144 2.28 17.32 -15.51
C LEU B 144 2.95 16.85 -16.78
N VAL B 145 2.31 15.91 -17.45
CA VAL B 145 2.97 15.14 -18.49
C VAL B 145 2.12 15.09 -19.74
N PRO B 146 2.74 14.88 -20.89
CA PRO B 146 1.86 14.63 -22.03
C PRO B 146 1.24 13.23 -21.90
N ALA B 147 0.05 13.04 -22.44
CA ALA B 147 -0.56 11.73 -22.49
C ALA B 147 -1.07 11.49 -23.90
N ALA B 148 -1.30 10.22 -24.24
CA ALA B 148 -1.73 9.87 -25.59
C ALA B 148 -3.00 10.63 -25.98
N GLY B 149 -3.89 10.87 -25.02
CA GLY B 149 -5.14 11.54 -25.34
C GLY B 149 -5.26 12.98 -24.86
N GLY B 150 -4.17 13.54 -24.35
CA GLY B 150 -4.19 14.91 -23.84
C GLY B 150 -3.09 15.15 -22.81
N VAL B 151 -3.45 15.61 -21.62
CA VAL B 151 -2.46 15.87 -20.56
C VAL B 151 -2.70 14.98 -19.35
N GLY B 152 -1.62 14.43 -18.80
CA GLY B 152 -1.70 13.62 -17.60
C GLY B 152 -1.12 14.34 -16.39
N LEU B 153 -1.63 13.98 -15.22
CA LEU B 153 -1.10 14.49 -13.97
C LEU B 153 -0.76 13.32 -13.07
N VAL B 154 0.46 13.29 -12.58
CA VAL B 154 0.88 12.29 -11.61
C VAL B 154 1.04 12.99 -10.27
N VAL B 155 0.20 12.62 -9.29
CA VAL B 155 0.23 13.27 -7.99
C VAL B 155 0.96 12.38 -6.99
N THR B 156 2.03 12.89 -6.41
CA THR B 156 2.95 12.02 -5.66
C THR B 156 2.87 12.30 -4.17
N ALA B 157 2.64 11.23 -3.39
CA ALA B 157 2.52 11.32 -1.93
C ALA B 157 1.52 12.42 -1.53
N TYR B 158 0.36 12.36 -2.17
CA TYR B 158 -0.75 13.27 -1.99
C TYR B 158 -1.03 13.61 -0.52
N GLU B 159 -1.15 12.56 0.27
CA GLU B 159 -1.55 12.66 1.67
C GLU B 159 -0.63 13.56 2.50
N GLN B 160 0.68 13.41 2.30
CA GLN B 160 1.68 14.16 3.07
C GLN B 160 1.98 15.53 2.49
N ARG B 161 1.75 15.69 1.19
CA ARG B 161 2.29 16.84 0.48
C ARG B 161 1.28 17.88 0.04
N THR B 162 0.00 17.61 0.26
CA THR B 162 -1.02 18.55 -0.18
C THR B 162 -1.77 19.18 0.99
N ARG B 163 -2.07 20.46 0.82
CA ARG B 163 -2.92 21.18 1.75
C ARG B 163 -4.37 20.77 1.52
N PRO B 164 -5.21 20.88 2.57
CA PRO B 164 -6.63 20.52 2.49
C PRO B 164 -7.32 21.04 1.23
N GLY B 165 -7.96 20.15 0.49
CA GLY B 165 -8.79 20.52 -0.63
C GLY B 165 -8.07 20.81 -1.95
N GLN B 166 -6.77 20.49 -2.02
CA GLN B 166 -6.03 20.61 -3.27
C GLN B 166 -6.51 19.56 -4.27
N LEU B 167 -6.88 18.41 -3.73
CA LEU B 167 -7.57 17.40 -4.51
C LEU B 167 -8.95 17.19 -3.90
N GLN B 168 -10.00 17.36 -4.69
CA GLN B 168 -11.36 17.20 -4.17
C GLN B 168 -12.19 16.33 -5.09
N LEU B 169 -12.66 15.21 -4.57
CA LEU B 169 -13.53 14.31 -5.33
C LEU B 169 -14.88 14.97 -5.52
N ARG B 170 -15.30 15.16 -6.77
CA ARG B 170 -16.56 15.84 -7.08
C ARG B 170 -17.66 14.85 -7.40
N GLN B 171 -17.30 13.75 -8.05
CA GLN B 171 -18.30 12.84 -8.58
C GLN B 171 -17.67 11.50 -8.91
N SER B 172 -18.42 10.42 -8.73
CA SER B 172 -17.99 9.08 -9.17
C SER B 172 -19.16 8.42 -9.88
N VAL B 173 -18.91 7.82 -11.04
CA VAL B 173 -19.99 7.16 -11.77
C VAL B 173 -19.50 5.81 -12.28
N ASP B 174 -20.43 4.89 -12.52
CA ASP B 174 -20.05 3.59 -13.05
C ASP B 174 -19.54 3.74 -14.46
N LEU B 175 -18.35 3.20 -14.73
CA LEU B 175 -17.75 3.35 -16.06
C LEU B 175 -18.07 2.10 -16.88
N THR B 176 -19.23 2.14 -17.50
CA THR B 176 -19.72 1.04 -18.32
C THR B 176 -19.09 1.10 -19.71
N PRO B 177 -19.14 -0.02 -20.46
CA PRO B 177 -18.70 0.06 -21.86
C PRO B 177 -19.42 1.16 -22.63
N ALA B 178 -20.72 1.33 -22.41
CA ALA B 178 -21.49 2.36 -23.09
C ALA B 178 -20.98 3.77 -22.75
N LEU B 179 -20.71 4.03 -21.47
CA LEU B 179 -20.23 5.35 -21.07
C LEU B 179 -18.86 5.63 -21.66
N TYR B 180 -17.99 4.62 -21.63
CA TYR B 180 -16.67 4.74 -22.21
C TYR B 180 -16.78 5.21 -23.67
N GLN B 181 -17.65 4.56 -24.43
CA GLN B 181 -17.77 4.91 -25.85
C GLN B 181 -18.31 6.31 -26.04
N GLU B 182 -19.22 6.69 -25.15
CA GLU B 182 -19.80 8.02 -25.16
C GLU B 182 -18.73 9.06 -24.86
N LEU B 183 -17.97 8.85 -23.79
CA LEU B 183 -16.92 9.81 -23.41
C LEU B 183 -15.76 9.82 -24.38
N ARG B 184 -15.47 8.68 -25.00
CA ARG B 184 -14.36 8.58 -25.94
C ARG B 184 -14.63 9.45 -27.16
N ALA B 185 -15.90 9.59 -27.48
CA ALA B 185 -16.32 10.36 -28.66
C ALA B 185 -16.45 11.84 -28.36
N THR B 186 -17.22 12.14 -27.31
CA THR B 186 -17.59 13.52 -26.96
C THR B 186 -16.46 14.27 -26.24
C GLY C 4 -16.11 -33.12 2.32
N VAL C 5 -16.02 -32.36 1.23
CA VAL C 5 -14.76 -31.77 0.82
C VAL C 5 -14.29 -30.72 1.83
N ASN C 6 -13.08 -30.87 2.34
CA ASN C 6 -12.53 -29.90 3.28
C ASN C 6 -12.58 -28.49 2.71
N VAL C 7 -12.74 -27.52 3.61
CA VAL C 7 -13.02 -26.14 3.21
C VAL C 7 -11.84 -25.50 2.48
N LEU C 8 -10.62 -25.84 2.87
CA LEU C 8 -9.46 -25.30 2.17
C LEU C 8 -9.50 -25.64 0.67
N ALA C 9 -9.66 -26.93 0.36
CA ALA C 9 -9.70 -27.40 -1.02
C ALA C 9 -10.89 -26.80 -1.76
N SER C 10 -12.04 -26.79 -1.10
CA SER C 10 -13.25 -26.24 -1.68
C SER C 10 -13.04 -24.76 -2.08
N THR C 11 -12.36 -24.02 -1.22
CA THR C 11 -12.16 -22.60 -1.46
C THR C 11 -11.20 -22.37 -2.62
N VAL C 12 -10.10 -23.12 -2.64
CA VAL C 12 -9.13 -23.05 -3.74
C VAL C 12 -9.77 -23.47 -5.05
N SER C 13 -10.53 -24.57 -5.01
CA SER C 13 -11.21 -25.07 -6.20
C SER C 13 -12.16 -24.02 -6.78
N GLY C 14 -12.90 -23.34 -5.92
CA GLY C 14 -13.83 -22.31 -6.35
C GLY C 14 -13.14 -21.20 -7.12
N ALA C 15 -12.00 -20.75 -6.60
CA ALA C 15 -11.21 -19.72 -7.27
C ALA C 15 -10.76 -20.20 -8.67
N ILE C 16 -10.29 -21.43 -8.76
CA ILE C 16 -9.88 -22.01 -10.05
C ILE C 16 -11.00 -22.09 -11.07
N GLU C 17 -12.16 -22.58 -10.63
CA GLU C 17 -13.27 -22.80 -11.54
C GLU C 17 -13.83 -21.47 -12.03
N ARG C 18 -13.81 -20.46 -11.18
CA ARG C 18 -14.33 -19.15 -11.57
C ARG C 18 -13.48 -18.55 -12.70
N LEU C 19 -12.20 -18.90 -12.73
CA LEU C 19 -11.30 -18.41 -13.76
C LEU C 19 -11.33 -19.31 -15.00
N GLY C 20 -11.88 -20.51 -14.85
CA GLY C 20 -12.05 -21.42 -15.97
C GLY C 20 -10.80 -22.17 -16.39
N LEU C 21 -9.83 -22.27 -15.49
CA LEU C 21 -8.61 -23.02 -15.80
C LEU C 21 -8.91 -24.51 -15.95
N THR C 22 -8.16 -25.15 -16.84
CA THR C 22 -8.22 -26.60 -16.93
C THR C 22 -7.26 -27.19 -15.91
N TYR C 23 -7.47 -28.45 -15.53
CA TYR C 23 -6.55 -29.08 -14.59
C TYR C 23 -5.16 -29.27 -15.21
N GLU C 24 -5.08 -29.33 -16.53
CA GLU C 24 -3.78 -29.37 -17.18
C GLU C 24 -3.05 -28.05 -16.99
N GLU C 25 -3.77 -26.94 -17.13
CA GLU C 25 -3.17 -25.62 -16.92
C GLU C 25 -2.74 -25.47 -15.47
N VAL C 26 -3.61 -25.86 -14.55
CA VAL C 26 -3.27 -25.77 -13.14
C VAL C 26 -2.08 -26.66 -12.82
N GLY C 27 -2.12 -27.90 -13.31
CA GLY C 27 -1.03 -28.82 -13.12
C GLY C 27 0.33 -28.25 -13.53
N ASP C 28 0.36 -27.56 -14.68
CA ASP C 28 1.59 -26.94 -15.14
C ASP C 28 2.06 -25.83 -14.23
N ILE C 29 1.13 -25.13 -13.58
CA ILE C 29 1.50 -24.02 -12.70
C ILE C 29 1.97 -24.54 -11.33
N VAL C 30 1.40 -25.64 -10.87
CA VAL C 30 1.67 -26.10 -9.50
C VAL C 30 2.51 -27.37 -9.47
N ASP C 31 3.06 -27.73 -10.63
CA ASP C 31 3.95 -28.91 -10.73
C ASP C 31 3.26 -30.19 -10.27
N ALA C 32 2.09 -30.47 -10.82
CA ALA C 32 1.36 -31.70 -10.49
C ALA C 32 0.72 -32.27 -11.74
N SER C 33 0.36 -33.55 -11.70
CA SER C 33 -0.44 -34.11 -12.79
C SER C 33 -1.83 -33.51 -12.71
N PRO C 34 -2.54 -33.51 -13.84
CA PRO C 34 -3.94 -33.05 -13.84
C PRO C 34 -4.82 -33.88 -12.89
N ARG C 35 -4.60 -35.18 -12.82
CA ARG C 35 -5.38 -36.02 -11.91
C ARG C 35 -5.14 -35.62 -10.45
N SER C 36 -3.89 -35.32 -10.12
CA SER C 36 -3.57 -34.90 -8.75
C SER C 36 -4.26 -33.59 -8.38
N VAL C 37 -4.36 -32.66 -9.32
CA VAL C 37 -5.06 -31.40 -9.07
C VAL C 37 -6.55 -31.64 -8.89
N ALA C 38 -7.12 -32.48 -9.75
CA ALA C 38 -8.55 -32.78 -9.69
C ALA C 38 -8.90 -33.42 -8.35
N ARG C 39 -8.07 -34.37 -7.91
CA ARG C 39 -8.28 -35.07 -6.64
C ARG C 39 -8.11 -34.13 -5.44
N TRP C 40 -7.05 -33.32 -5.46
CA TRP C 40 -6.79 -32.38 -4.38
C TRP C 40 -7.97 -31.43 -4.21
N THR C 41 -8.43 -30.86 -5.33
CA THR C 41 -9.53 -29.90 -5.26
C THR C 41 -10.85 -30.57 -4.90
N ALA C 42 -10.91 -31.89 -5.05
CA ALA C 42 -12.10 -32.65 -4.67
C ALA C 42 -11.97 -33.12 -3.22
N GLY C 43 -10.90 -32.71 -2.56
CA GLY C 43 -10.66 -33.04 -1.17
C GLY C 43 -10.24 -34.47 -0.94
N GLN C 44 -9.80 -35.15 -2.01
CA GLN C 44 -9.34 -36.52 -1.91
C GLN C 44 -7.84 -36.60 -1.64
N VAL C 45 -7.38 -37.73 -1.11
CA VAL C 45 -5.98 -37.89 -0.75
C VAL C 45 -5.08 -37.92 -2.01
N VAL C 46 -3.95 -37.24 -1.94
CA VAL C 46 -3.00 -37.16 -3.05
C VAL C 46 -1.58 -37.46 -2.58
N PRO C 47 -1.13 -38.72 -2.75
CA PRO C 47 0.23 -39.06 -2.33
C PRO C 47 1.29 -38.58 -3.31
N GLN C 48 0.87 -38.21 -4.52
CA GLN C 48 1.80 -37.78 -5.56
C GLN C 48 2.29 -36.35 -5.32
N ARG C 49 3.34 -35.96 -6.06
CA ARG C 49 3.89 -34.61 -6.00
C ARG C 49 2.86 -33.53 -6.32
N LEU C 50 2.75 -32.56 -5.43
CA LEU C 50 1.87 -31.42 -5.67
C LEU C 50 2.28 -30.25 -4.79
N ASN C 51 2.53 -29.10 -5.42
CA ASN C 51 2.97 -27.94 -4.66
C ASN C 51 1.77 -27.16 -4.13
N LYS C 52 1.40 -27.44 -2.88
CA LYS C 52 0.24 -26.79 -2.28
C LYS C 52 0.41 -25.27 -2.16
N GLN C 53 1.62 -24.84 -1.86
CA GLN C 53 1.90 -23.41 -1.78
C GLN C 53 1.56 -22.71 -3.10
N ARG C 54 1.91 -23.34 -4.22
CA ARG C 54 1.61 -22.75 -5.52
C ARG C 54 0.11 -22.74 -5.82
N LEU C 55 -0.60 -23.78 -5.41
CA LEU C 55 -2.05 -23.81 -5.59
C LEU C 55 -2.72 -22.64 -4.87
N ILE C 56 -2.25 -22.38 -3.65
CA ILE C 56 -2.83 -21.28 -2.88
C ILE C 56 -2.49 -19.95 -3.53
N GLU C 57 -1.25 -19.82 -3.99
CA GLU C 57 -0.84 -18.58 -4.64
C GLU C 57 -1.66 -18.34 -5.92
N LEU C 58 -1.91 -19.41 -6.66
CA LEU C 58 -2.75 -19.31 -7.85
C LEU C 58 -4.17 -18.89 -7.51
N ALA C 59 -4.72 -19.43 -6.43
CA ALA C 59 -6.04 -19.01 -5.95
C ALA C 59 -6.05 -17.52 -5.57
N TYR C 60 -5.02 -17.05 -4.87
CA TYR C 60 -4.88 -15.60 -4.62
C TYR C 60 -5.02 -14.80 -5.91
N VAL C 61 -4.25 -15.21 -6.91
CA VAL C 61 -4.19 -14.46 -8.16
C VAL C 61 -5.52 -14.51 -8.90
N ALA C 62 -6.12 -15.70 -8.97
CA ALA C 62 -7.40 -15.86 -9.64
C ALA C 62 -8.48 -14.97 -9.00
N ASP C 63 -8.54 -14.97 -7.67
CA ASP C 63 -9.53 -14.17 -6.98
C ASP C 63 -9.26 -12.68 -7.18
N ALA C 64 -7.99 -12.28 -7.11
CA ALA C 64 -7.63 -10.86 -7.27
C ALA C 64 -7.99 -10.39 -8.69
N LEU C 65 -7.64 -11.21 -9.66
CA LEU C 65 -7.84 -10.87 -11.07
C LEU C 65 -9.30 -10.60 -11.41
N ALA C 66 -10.22 -11.21 -10.67
CA ALA C 66 -11.65 -11.04 -10.95
C ALA C 66 -12.10 -9.60 -10.71
N GLU C 67 -11.35 -8.87 -9.91
CA GLU C 67 -11.69 -7.47 -9.67
C GLU C 67 -11.50 -6.60 -10.91
N VAL C 68 -10.65 -7.03 -11.85
CA VAL C 68 -10.22 -6.10 -12.90
C VAL C 68 -10.50 -6.63 -14.30
N LEU C 69 -10.77 -7.92 -14.44
CA LEU C 69 -11.16 -8.47 -15.76
C LEU C 69 -12.28 -9.48 -15.66
N PRO C 70 -13.20 -9.47 -16.63
CA PRO C 70 -14.22 -10.50 -16.59
C PRO C 70 -13.60 -11.87 -16.91
N ARG C 71 -14.31 -12.93 -16.58
CA ARG C 71 -13.85 -14.32 -16.70
C ARG C 71 -13.07 -14.67 -17.97
N ASP C 72 -13.68 -14.50 -19.13
CA ASP C 72 -13.04 -14.95 -20.36
C ASP C 72 -11.71 -14.22 -20.60
N GLN C 73 -11.70 -12.91 -20.36
CA GLN C 73 -10.48 -12.12 -20.57
C GLN C 73 -9.46 -12.38 -19.48
N ALA C 74 -9.93 -12.69 -18.28
CA ALA C 74 -9.04 -13.01 -17.18
C ALA C 74 -8.28 -14.27 -17.53
N ASN C 75 -9.00 -15.23 -18.08
CA ASN C 75 -8.39 -16.49 -18.48
C ASN C 75 -7.29 -16.29 -19.53
N VAL C 76 -7.62 -15.59 -20.62
CA VAL C 76 -6.64 -15.27 -21.65
C VAL C 76 -5.43 -14.52 -21.08
N TRP C 77 -5.71 -13.57 -20.19
CA TRP C 77 -4.65 -12.75 -19.58
C TRP C 77 -3.59 -13.57 -18.86
N MET C 78 -4.02 -14.64 -18.20
CA MET C 78 -3.08 -15.50 -17.47
C MET C 78 -2.04 -16.09 -18.40
N PHE C 79 -2.40 -16.30 -19.68
CA PHE C 79 -1.49 -16.99 -20.59
C PHE C 79 -0.96 -16.10 -21.71
N SER C 80 -1.15 -14.79 -21.55
CA SER C 80 -0.68 -13.84 -22.55
C SER C 80 0.59 -13.18 -22.09
N PRO C 81 1.62 -13.22 -22.94
CA PRO C 81 2.84 -12.43 -22.68
C PRO C 81 2.45 -10.99 -22.43
N ASN C 82 2.90 -10.47 -21.30
CA ASN C 82 2.46 -9.17 -20.84
C ASN C 82 3.65 -8.22 -20.82
N ARG C 83 3.57 -7.14 -21.58
CA ARG C 83 4.71 -6.20 -21.67
C ARG C 83 5.02 -5.53 -20.31
N LEU C 84 4.06 -5.50 -19.40
CA LEU C 84 4.29 -4.92 -18.08
C LEU C 84 5.09 -5.88 -17.17
N LEU C 85 5.17 -7.14 -17.59
CA LEU C 85 5.94 -8.14 -16.86
C LEU C 85 7.12 -8.61 -17.72
N GLU C 86 7.75 -7.69 -18.44
CA GLU C 86 8.87 -8.02 -19.32
C GLU C 86 8.50 -9.12 -20.31
N HIS C 87 7.28 -9.05 -20.82
CA HIS C 87 6.80 -9.95 -21.88
C HIS C 87 6.71 -11.39 -21.39
N ARG C 88 6.45 -11.58 -20.09
CA ARG C 88 6.23 -12.90 -19.54
C ARG C 88 4.74 -13.11 -19.26
N LYS C 89 4.33 -14.38 -19.19
CA LYS C 89 2.94 -14.72 -18.88
C LYS C 89 2.73 -14.71 -17.36
N PRO C 90 1.63 -14.09 -16.89
CA PRO C 90 1.33 -14.16 -15.45
C PRO C 90 1.32 -15.60 -14.89
N ALA C 91 0.79 -16.55 -15.64
CA ALA C 91 0.77 -17.95 -15.19
C ALA C 91 2.18 -18.50 -14.95
N ASP C 92 3.14 -18.10 -15.77
CA ASP C 92 4.52 -18.53 -15.60
C ASP C 92 5.15 -17.85 -14.37
N LEU C 93 4.81 -16.59 -14.11
CA LEU C 93 5.29 -15.97 -12.87
C LEU C 93 4.75 -16.71 -11.66
N VAL C 94 3.48 -17.09 -11.70
CA VAL C 94 2.89 -17.79 -10.56
C VAL C 94 3.61 -19.13 -10.41
N ARG C 95 3.77 -19.84 -11.52
CA ARG C 95 4.50 -21.12 -11.51
C ARG C 95 5.87 -20.99 -10.84
N ASP C 96 6.56 -19.91 -11.16
CA ASP C 96 7.94 -19.73 -10.74
C ASP C 96 8.09 -18.97 -9.43
N GLY C 97 7.01 -18.80 -8.68
CA GLY C 97 7.10 -18.22 -7.35
C GLY C 97 6.95 -16.71 -7.27
N GLU C 98 6.67 -16.07 -8.40
CA GLU C 98 6.57 -14.60 -8.43
C GLU C 98 5.12 -14.10 -8.40
N TYR C 99 4.25 -14.81 -7.68
CA TYR C 99 2.86 -14.38 -7.60
C TYR C 99 2.70 -12.98 -7.02
N GLN C 100 3.63 -12.54 -6.17
CA GLN C 100 3.49 -11.23 -5.53
C GLN C 100 3.53 -10.14 -6.60
N ARG C 101 4.40 -10.31 -7.59
CA ARG C 101 4.50 -9.31 -8.66
C ARG C 101 3.22 -9.26 -9.46
N VAL C 102 2.61 -10.43 -9.68
CA VAL C 102 1.34 -10.50 -10.38
C VAL C 102 0.23 -9.80 -9.60
N LEU C 103 0.16 -10.04 -8.30
CA LEU C 103 -0.80 -9.33 -7.45
C LEU C 103 -0.58 -7.83 -7.47
N ALA C 104 0.68 -7.41 -7.50
CA ALA C 104 1.00 -5.99 -7.54
C ALA C 104 0.51 -5.38 -8.85
N LEU C 105 0.75 -6.07 -9.97
CA LEU C 105 0.22 -5.59 -11.26
C LEU C 105 -1.33 -5.48 -11.23
N ILE C 106 -2.01 -6.48 -10.67
CA ILE C 106 -3.47 -6.43 -10.58
C ILE C 106 -3.94 -5.23 -9.75
N ASP C 107 -3.23 -4.94 -8.67
CA ASP C 107 -3.54 -3.76 -7.86
C ASP C 107 -3.36 -2.45 -8.66
N ALA C 108 -2.31 -2.38 -9.47
CA ALA C 108 -2.10 -1.22 -10.32
C ALA C 108 -3.22 -1.10 -11.35
N MET C 109 -3.66 -2.23 -11.91
CA MET C 109 -4.79 -2.25 -12.84
C MET C 109 -6.05 -1.72 -12.17
N ALA C 110 -6.29 -2.16 -10.95
CA ALA C 110 -7.46 -1.75 -10.19
C ALA C 110 -7.41 -0.28 -9.79
N GLU C 111 -6.23 0.32 -9.80
CA GLU C 111 -6.11 1.75 -9.47
C GLU C 111 -5.92 2.64 -10.68
N GLY C 112 -6.11 2.07 -11.87
CA GLY C 112 -6.03 2.87 -13.09
C GLY C 112 -4.69 3.54 -13.29
N VAL C 113 -3.63 2.84 -12.92
CA VAL C 113 -2.28 3.34 -13.15
C VAL C 113 -2.02 3.46 -14.65
N PHE C 114 -1.45 4.59 -15.10
CA PHE C 114 -1.24 4.76 -16.55
C PHE C 114 -0.06 3.89 -16.98
N VAL C 115 -0.19 3.22 -18.12
CA VAL C 115 0.82 2.24 -18.48
C VAL C 115 1.70 2.72 -19.62
C GLY D 4 26.44 25.56 -4.15
N VAL D 5 25.65 25.26 -3.12
CA VAL D 5 25.41 23.87 -2.71
C VAL D 5 24.40 23.18 -3.62
N ASN D 6 24.78 22.03 -4.16
CA ASN D 6 23.89 21.28 -5.04
C ASN D 6 22.64 20.84 -4.29
N VAL D 7 21.54 20.76 -5.01
CA VAL D 7 20.24 20.63 -4.37
C VAL D 7 20.04 19.23 -3.82
N LEU D 8 20.67 18.24 -4.44
CA LEU D 8 20.57 16.87 -3.94
C LEU D 8 21.14 16.82 -2.52
N ALA D 9 22.30 17.42 -2.35
CA ALA D 9 22.98 17.43 -1.05
C ALA D 9 22.22 18.24 0.00
N SER D 10 21.72 19.40 -0.38
CA SER D 10 20.98 20.23 0.56
C SER D 10 19.60 19.63 0.92
N THR D 11 19.02 18.86 0.01
CA THR D 11 17.75 18.18 0.28
C THR D 11 17.97 17.08 1.30
N VAL D 12 19.01 16.27 1.08
CA VAL D 12 19.38 15.24 2.03
C VAL D 12 19.75 15.87 3.37
N SER D 13 20.52 16.95 3.30
CA SER D 13 20.97 17.63 4.51
C SER D 13 19.77 18.13 5.33
N GLY D 14 18.79 18.69 4.63
CA GLY D 14 17.56 19.16 5.26
C GLY D 14 16.78 18.05 5.97
N ALA D 15 16.73 16.87 5.35
CA ALA D 15 16.00 15.74 5.95
C ALA D 15 16.66 15.27 7.24
N ILE D 16 17.99 15.15 7.22
CA ILE D 16 18.74 14.72 8.39
C ILE D 16 18.71 15.77 9.51
N GLU D 17 18.84 17.04 9.14
CA GLU D 17 18.82 18.15 10.09
C GLU D 17 17.53 18.19 10.90
N ARG D 18 16.41 17.84 10.27
CA ARG D 18 15.12 17.89 10.93
CA ARG D 18 15.12 17.90 10.95
C ARG D 18 14.99 16.75 11.95
N LEU D 19 15.91 15.80 11.86
CA LEU D 19 15.96 14.70 12.81
C LEU D 19 17.01 14.99 13.89
N GLY D 20 17.91 15.92 13.61
CA GLY D 20 18.92 16.33 14.56
C GLY D 20 20.05 15.33 14.74
N LEU D 21 20.29 14.52 13.71
CA LEU D 21 21.39 13.57 13.75
C LEU D 21 22.70 14.32 13.70
N THR D 22 23.69 13.85 14.44
CA THR D 22 25.04 14.41 14.37
C THR D 22 25.76 13.85 13.17
N TYR D 23 26.88 14.46 12.78
CA TYR D 23 27.67 13.92 11.67
C TYR D 23 28.28 12.58 12.07
N GLU D 24 28.60 12.43 13.36
CA GLU D 24 29.10 11.13 13.87
C GLU D 24 28.06 10.03 13.69
N GLU D 25 26.82 10.31 14.09
CA GLU D 25 25.72 9.36 13.91
C GLU D 25 25.51 9.04 12.44
N VAL D 26 25.47 10.06 11.59
CA VAL D 26 25.23 9.82 10.17
C VAL D 26 26.36 9.00 9.58
N GLY D 27 27.58 9.36 9.95
CA GLY D 27 28.76 8.64 9.53
C GLY D 27 28.73 7.16 9.83
N ASP D 28 28.29 6.79 11.03
CA ASP D 28 28.21 5.37 11.39
C ASP D 28 27.15 4.63 10.60
N ILE D 29 26.15 5.36 10.12
CA ILE D 29 25.07 4.74 9.34
C ILE D 29 25.47 4.59 7.87
N VAL D 30 26.23 5.54 7.33
CA VAL D 30 26.51 5.51 5.88
C VAL D 30 27.96 5.15 5.56
N ASP D 31 28.67 4.63 6.56
CA ASP D 31 30.07 4.20 6.43
C ASP D 31 30.96 5.31 5.88
N ALA D 32 30.97 6.44 6.58
CA ALA D 32 31.84 7.55 6.21
C ALA D 32 32.33 8.28 7.46
N SER D 33 33.43 8.99 7.33
CA SER D 33 33.91 9.84 8.41
C SER D 33 32.93 10.97 8.63
N PRO D 34 32.82 11.46 9.87
CA PRO D 34 31.98 12.64 10.14
C PRO D 34 32.34 13.81 9.23
N ARG D 35 33.63 14.05 9.00
CA ARG D 35 34.06 15.14 8.13
C ARG D 35 33.57 14.93 6.69
N SER D 36 33.60 13.68 6.23
CA SER D 36 33.11 13.40 4.88
C SER D 36 31.61 13.66 4.78
N VAL D 37 30.87 13.31 5.82
CA VAL D 37 29.43 13.60 5.84
C VAL D 37 29.18 15.11 5.83
N ALA D 38 29.94 15.83 6.66
CA ALA D 38 29.83 17.29 6.74
C ALA D 38 30.13 17.94 5.38
N ARG D 39 31.18 17.46 4.72
CA ARG D 39 31.53 18.00 3.43
C ARG D 39 30.48 17.68 2.37
N TRP D 40 30.01 16.43 2.37
CA TRP D 40 29.05 16.01 1.35
C TRP D 40 27.75 16.80 1.48
N THR D 41 27.24 16.94 2.70
CA THR D 41 25.98 17.64 2.91
C THR D 41 26.13 19.13 2.66
N ALA D 42 27.36 19.61 2.63
CA ALA D 42 27.64 21.01 2.32
C ALA D 42 27.93 21.17 0.82
N GLY D 43 27.79 20.08 0.09
CA GLY D 43 27.95 20.10 -1.36
C GLY D 43 29.39 20.23 -1.81
N GLN D 44 30.34 19.83 -0.95
CA GLN D 44 31.75 19.87 -1.32
C GLN D 44 32.20 18.53 -1.85
N VAL D 45 33.35 18.50 -2.51
CA VAL D 45 33.84 17.28 -3.13
C VAL D 45 34.32 16.32 -2.03
N VAL D 46 33.95 15.05 -2.19
CA VAL D 46 34.31 14.02 -1.23
C VAL D 46 34.91 12.81 -1.97
N PRO D 47 36.25 12.75 -2.07
CA PRO D 47 36.88 11.60 -2.73
C PRO D 47 36.86 10.34 -1.88
N GLN D 48 36.67 10.48 -0.57
CA GLN D 48 36.66 9.34 0.35
C GLN D 48 35.47 8.42 0.17
N ARG D 49 35.58 7.24 0.78
CA ARG D 49 34.46 6.32 1.00
C ARG D 49 33.23 7.01 1.58
N LEU D 50 32.11 6.89 0.89
CA LEU D 50 30.83 7.37 1.43
C LEU D 50 29.71 6.71 0.62
N ASN D 51 28.81 6.02 1.32
CA ASN D 51 27.75 5.31 0.63
C ASN D 51 26.58 6.24 0.41
N LYS D 52 26.50 6.79 -0.80
CA LYS D 52 25.48 7.76 -1.14
C LYS D 52 24.08 7.15 -1.04
N GLN D 53 23.96 5.88 -1.41
CA GLN D 53 22.64 5.24 -1.45
C GLN D 53 22.12 5.17 -0.02
N ARG D 54 23.01 4.90 0.93
CA ARG D 54 22.62 4.81 2.34
C ARG D 54 22.20 6.17 2.89
N LEU D 55 22.86 7.22 2.44
CA LEU D 55 22.52 8.58 2.87
C LEU D 55 21.13 8.96 2.39
N ILE D 56 20.83 8.63 1.13
CA ILE D 56 19.49 8.90 0.61
C ILE D 56 18.43 8.09 1.36
N GLU D 57 18.73 6.81 1.62
CA GLU D 57 17.82 5.96 2.37
C GLU D 57 17.58 6.49 3.78
N LEU D 58 18.66 6.96 4.42
CA LEU D 58 18.53 7.59 5.73
C LEU D 58 17.60 8.80 5.63
N ALA D 59 17.71 9.57 4.54
CA ALA D 59 16.88 10.76 4.36
C ALA D 59 15.41 10.35 4.24
N TYR D 60 15.16 9.29 3.47
CA TYR D 60 13.80 8.77 3.35
C TYR D 60 13.19 8.47 4.70
N VAL D 61 14.00 7.83 5.54
CA VAL D 61 13.53 7.39 6.86
C VAL D 61 13.33 8.59 7.76
N ALA D 62 14.25 9.54 7.71
CA ALA D 62 14.12 10.72 8.55
C ALA D 62 12.85 11.50 8.23
N ASP D 63 12.59 11.73 6.93
CA ASP D 63 11.39 12.45 6.51
C ASP D 63 10.12 11.71 6.90
N ALA D 64 10.11 10.39 6.69
CA ALA D 64 8.95 9.58 7.00
C ALA D 64 8.66 9.59 8.52
N LEU D 65 9.73 9.51 9.30
CA LEU D 65 9.60 9.40 10.76
C LEU D 65 9.01 10.67 11.36
N ALA D 66 9.22 11.81 10.70
CA ALA D 66 8.73 13.09 11.21
C ALA D 66 7.21 13.16 11.22
N GLU D 67 6.55 12.29 10.45
CA GLU D 67 5.09 12.22 10.42
C GLU D 67 4.53 11.62 11.71
N VAL D 68 5.30 10.76 12.38
CA VAL D 68 4.75 9.98 13.48
C VAL D 68 5.34 10.31 14.86
N LEU D 69 6.47 11.02 14.88
CA LEU D 69 7.09 11.42 16.15
C LEU D 69 7.67 12.82 16.08
N PRO D 70 7.64 13.57 17.20
CA PRO D 70 8.33 14.85 17.24
C PRO D 70 9.85 14.65 17.23
N ARG D 71 10.60 15.71 16.93
CA ARG D 71 12.05 15.61 16.70
C ARG D 71 12.81 14.84 17.79
N ASP D 72 12.64 15.26 19.05
CA ASP D 72 13.36 14.62 20.17
C ASP D 72 13.14 13.12 20.21
N GLN D 73 11.88 12.72 20.15
CA GLN D 73 11.50 11.33 20.24
C GLN D 73 11.87 10.56 18.96
N ALA D 74 11.83 11.26 17.83
CA ALA D 74 12.23 10.65 16.55
C ALA D 74 13.72 10.31 16.57
N ASN D 75 14.51 11.25 17.06
CA ASN D 75 15.96 11.07 17.20
C ASN D 75 16.28 9.86 18.07
N VAL D 76 15.73 9.85 19.29
CA VAL D 76 15.93 8.73 20.21
C VAL D 76 15.47 7.39 19.61
N TRP D 77 14.33 7.42 18.90
CA TRP D 77 13.76 6.21 18.29
C TRP D 77 14.74 5.52 17.35
N MET D 78 15.53 6.31 16.63
CA MET D 78 16.46 5.76 15.66
C MET D 78 17.48 4.85 16.33
N PHE D 79 17.83 5.16 17.57
CA PHE D 79 18.90 4.44 18.24
C PHE D 79 18.40 3.58 19.39
N SER D 80 17.08 3.39 19.48
CA SER D 80 16.50 2.55 20.51
C SER D 80 16.14 1.18 19.97
N PRO D 81 16.63 0.11 20.60
CA PRO D 81 16.18 -1.24 20.30
C PRO D 81 14.65 -1.33 20.24
N ASN D 82 14.13 -1.76 19.10
CA ASN D 82 12.69 -1.77 18.90
C ASN D 82 12.17 -3.19 18.90
N ARG D 83 11.28 -3.52 19.84
CA ARG D 83 10.76 -4.88 19.92
C ARG D 83 10.00 -5.27 18.65
N LEU D 84 9.52 -4.28 17.89
CA LEU D 84 8.81 -4.57 16.65
C LEU D 84 9.78 -4.92 15.52
N LEU D 85 11.06 -4.64 15.73
CA LEU D 85 12.12 -4.98 14.79
C LEU D 85 13.08 -6.00 15.41
N GLU D 86 12.52 -6.93 16.18
CA GLU D 86 13.28 -8.00 16.81
C GLU D 86 14.40 -7.42 17.68
N HIS D 87 14.10 -6.32 18.35
CA HIS D 87 14.98 -5.67 19.32
C HIS D 87 16.21 -5.08 18.65
N ARG D 88 16.06 -4.68 17.40
CA ARG D 88 17.13 -4.01 16.68
C ARG D 88 16.84 -2.52 16.60
N LYS D 89 17.88 -1.72 16.40
CA LYS D 89 17.72 -0.27 16.27
C LYS D 89 17.43 0.04 14.82
N PRO D 90 16.47 0.94 14.56
CA PRO D 90 16.19 1.38 13.19
C PRO D 90 17.43 1.95 12.49
N ALA D 91 18.29 2.65 13.22
CA ALA D 91 19.53 3.16 12.61
C ALA D 91 20.41 2.03 12.08
N ASP D 92 20.44 0.90 12.79
CA ASP D 92 21.25 -0.22 12.36
C ASP D 92 20.63 -0.89 11.12
N LEU D 93 19.31 -0.98 11.08
CA LEU D 93 18.64 -1.51 9.90
C LEU D 93 18.96 -0.68 8.67
N VAL D 94 18.92 0.64 8.84
CA VAL D 94 19.23 1.53 7.72
C VAL D 94 20.66 1.32 7.28
N ARG D 95 21.58 1.29 8.24
CA ARG D 95 22.98 1.04 7.96
C ARG D 95 23.19 -0.22 7.12
N ASP D 96 22.44 -1.26 7.45
CA ASP D 96 22.65 -2.58 6.86
C ASP D 96 21.72 -2.84 5.66
N GLY D 97 21.13 -1.78 5.12
CA GLY D 97 20.36 -1.90 3.91
C GLY D 97 18.89 -2.24 4.06
N GLU D 98 18.40 -2.26 5.29
CA GLU D 98 17.01 -2.66 5.51
C GLU D 98 16.08 -1.47 5.75
N TYR D 99 16.35 -0.35 5.06
CA TYR D 99 15.53 0.84 5.27
C TYR D 99 14.05 0.57 4.91
N GLN D 100 13.78 -0.36 3.99
CA GLN D 100 12.39 -0.59 3.58
C GLN D 100 11.58 -1.12 4.76
N ARG D 101 12.18 -1.98 5.58
CA ARG D 101 11.46 -2.51 6.74
C ARG D 101 11.15 -1.37 7.71
N VAL D 102 12.10 -0.45 7.86
CA VAL D 102 11.91 0.69 8.75
C VAL D 102 10.78 1.58 8.23
N LEU D 103 10.76 1.81 6.93
CA LEU D 103 9.68 2.58 6.33
C LEU D 103 8.33 1.90 6.51
N ALA D 104 8.30 0.57 6.41
CA ALA D 104 7.06 -0.18 6.65
C ALA D 104 6.54 0.02 8.07
N LEU D 105 7.45 -0.10 9.04
CA LEU D 105 7.06 0.11 10.44
C LEU D 105 6.50 1.52 10.64
N ILE D 106 7.17 2.52 10.06
CA ILE D 106 6.71 3.89 10.23
C ILE D 106 5.32 4.06 9.66
N ASP D 107 5.03 3.38 8.55
CA ASP D 107 3.71 3.48 7.95
C ASP D 107 2.67 2.78 8.82
N ALA D 108 3.06 1.70 9.47
CA ALA D 108 2.17 1.03 10.43
C ALA D 108 1.90 1.97 11.62
N MET D 109 2.94 2.64 12.08
CA MET D 109 2.78 3.57 13.18
C MET D 109 1.81 4.69 12.80
N ALA D 110 1.95 5.19 11.57
CA ALA D 110 1.08 6.24 11.01
C ALA D 110 -0.35 5.80 10.82
N GLU D 111 -0.58 4.48 10.72
CA GLU D 111 -1.94 3.95 10.57
C GLU D 111 -2.51 3.37 11.84
N GLY D 112 -1.82 3.60 12.96
CA GLY D 112 -2.35 3.16 14.23
C GLY D 112 -2.56 1.66 14.34
N VAL D 113 -1.67 0.89 13.72
CA VAL D 113 -1.71 -0.56 13.80
C VAL D 113 -1.46 -0.98 15.24
N PHE D 114 -2.31 -1.86 15.77
CA PHE D 114 -2.18 -2.32 17.15
C PHE D 114 -0.91 -3.18 17.28
N VAL D 115 -0.08 -2.90 18.28
CA VAL D 115 1.22 -3.57 18.33
C VAL D 115 1.23 -4.73 19.33
#